data_5UQ2
#
_entry.id   5UQ2
#
_cell.length_a   120.910
_cell.length_b   120.910
_cell.length_c   77.110
_cell.angle_alpha   90.00
_cell.angle_beta   90.00
_cell.angle_gamma   90.00
#
_symmetry.space_group_name_H-M   'P 41 21 2'
#
loop_
_entity.id
_entity.type
_entity.pdbx_description
1 polymer 'Cyclin-dependent kinase 2'
2 polymer 'Speedy protein A'
3 water water
#
loop_
_entity_poly.entity_id
_entity_poly.type
_entity_poly.pdbx_seq_one_letter_code
_entity_poly.pdbx_strand_id
1 'polypeptide(L)'
;GEFMENFQKVEKIGEGTYGVVYKARNKLTGEVVALKKIRLDTETEGVPSTAIREISLLKELNHPNIVKLLDVIHTENKLY
LVFEFLHQDLKKFMDASALTGIPLPLIKSYLFQLLQGLAFCHSHRVLHRDLKPQNLLINTEGAIKLADFGLARAFGVPVR
TYTHEVVTLWYRAPEILLGCKYYSTAVDIWSLGCIFAEMVTRRALFPGDSEIDQLFRIFRTLGTPDEVVWPGVTSMPDYK
PSFPKWARQDFSKVVPPLDEDGRSLLSQMLHYDPNKRISAKAALAHPFFQDVTKPVPHLRL
;
A
2 'polypeptide(L)'
;GAMDPEFGPCLVIQRQDMTAFFKLFDDDLIQDFLWMDCCCKIADKYLLAMTFVYFKRAKFTISEHTRINFFIALYLANTV
EEDEEETKYEIFPWALGKNWRKLFPNFLKLRDQLWDRIDYRAIVSRRCCEEVMAIAPTHYIWQRERSVHHSGAVRNYNRD
;
B
#
# COMPACT_ATOMS: atom_id res chain seq x y z
N MET A 4 -25.27 -12.39 4.02
CA MET A 4 -25.58 -13.65 4.67
C MET A 4 -25.11 -14.83 3.83
N GLU A 5 -25.96 -15.23 2.89
CA GLU A 5 -25.71 -16.38 2.01
C GLU A 5 -25.41 -17.65 2.82
N ASN A 6 -24.52 -18.47 2.30
CA ASN A 6 -24.22 -19.77 2.89
C ASN A 6 -23.47 -19.68 4.22
N PHE A 7 -22.78 -18.56 4.42
CA PHE A 7 -21.79 -18.45 5.49
C PHE A 7 -22.33 -17.78 6.75
N GLN A 8 -21.88 -18.29 7.89
CA GLN A 8 -22.18 -17.72 9.20
C GLN A 8 -20.89 -17.34 9.92
N LYS A 9 -20.93 -16.27 10.70
CA LYS A 9 -19.78 -15.88 11.52
C LYS A 9 -19.58 -16.89 12.66
N VAL A 10 -18.36 -17.40 12.80
CA VAL A 10 -18.11 -18.42 13.82
C VAL A 10 -17.32 -17.87 15.01
N GLU A 11 -16.50 -16.84 14.79
CA GLU A 11 -15.77 -16.16 15.86
C GLU A 11 -15.10 -14.90 15.36
N LYS A 12 -14.86 -13.97 16.28
CA LYS A 12 -14.22 -12.69 15.95
C LYS A 12 -12.71 -12.77 16.14
N ILE A 13 -11.99 -12.50 15.06
CA ILE A 13 -10.53 -12.58 15.08
C ILE A 13 -9.91 -11.36 15.75
N GLY A 14 -10.30 -10.16 15.29
CA GLY A 14 -9.77 -8.94 15.84
C GLY A 14 -10.60 -7.71 15.51
N GLU A 15 -10.33 -6.62 16.21
CA GLU A 15 -11.02 -5.35 16.00
C GLU A 15 -10.08 -4.16 16.20
N GLY A 16 -9.83 -3.43 15.13
CA GLY A 16 -8.94 -2.28 15.20
C GLY A 16 -9.44 -1.09 14.40
N THR A 17 -8.51 -0.24 13.98
CA THR A 17 -8.85 0.95 13.21
C THR A 17 -9.25 0.60 11.78
N TYR A 18 -8.77 -0.55 11.32
CA TYR A 18 -9.08 -1.04 9.98
C TYR A 18 -10.55 -1.45 9.85
N GLY A 19 -11.13 -1.88 10.97
CA GLY A 19 -12.49 -2.37 10.99
C GLY A 19 -12.60 -3.56 11.92
N VAL A 20 -13.51 -4.48 11.62
CA VAL A 20 -13.67 -5.70 12.42
C VAL A 20 -13.55 -6.93 11.53
N VAL A 21 -12.57 -7.77 11.84
CA VAL A 21 -12.33 -8.98 11.07
C VAL A 21 -12.92 -10.21 11.76
N TYR A 22 -13.80 -10.91 11.06
CA TYR A 22 -14.41 -12.13 11.59
C TYR A 22 -13.91 -13.37 10.87
N LYS A 23 -13.99 -14.51 11.56
CA LYS A 23 -13.82 -15.79 10.92
C LYS A 23 -15.20 -16.38 10.68
N ALA A 24 -15.56 -16.54 9.42
CA ALA A 24 -16.86 -17.10 9.07
C ALA A 24 -16.67 -18.43 8.34
N ARG A 25 -17.63 -19.33 8.48
CA ARG A 25 -17.54 -20.62 7.82
C ARG A 25 -18.87 -21.01 7.16
N ASN A 26 -18.79 -21.97 6.24
CA ASN A 26 -19.94 -22.45 5.50
C ASN A 26 -20.26 -23.86 5.98
N LYS A 27 -21.52 -24.14 6.29
CA LYS A 27 -21.92 -25.53 6.45
C LYS A 27 -22.01 -26.12 5.04
N LEU A 28 -22.65 -27.27 4.92
CA LEU A 28 -22.96 -27.85 3.61
C LEU A 28 -21.72 -28.19 2.75
N THR A 29 -20.63 -27.44 2.87
CA THR A 29 -19.42 -27.71 2.09
C THR A 29 -18.14 -27.69 2.95
N GLY A 30 -18.02 -26.69 3.81
CA GLY A 30 -16.86 -26.59 4.69
C GLY A 30 -15.83 -25.56 4.27
N GLU A 31 -16.30 -24.40 3.83
CA GLU A 31 -15.41 -23.32 3.40
C GLU A 31 -15.28 -22.25 4.47
N VAL A 32 -14.05 -22.01 4.93
CA VAL A 32 -13.78 -20.97 5.91
C VAL A 32 -13.22 -19.73 5.24
N VAL A 33 -13.79 -18.57 5.55
CA VAL A 33 -13.32 -17.31 4.99
C VAL A 33 -13.16 -16.25 6.08
N ALA A 34 -12.30 -15.26 5.81
CA ALA A 34 -12.13 -14.13 6.70
C ALA A 34 -13.04 -12.99 6.27
N LEU A 35 -14.04 -12.68 7.10
CA LEU A 35 -15.02 -11.66 6.78
C LEU A 35 -14.65 -10.32 7.43
N LYS A 36 -14.13 -9.40 6.63
CA LYS A 36 -13.66 -8.12 7.14
C LYS A 36 -14.69 -7.01 6.94
N LYS A 37 -15.36 -6.62 8.02
CA LYS A 37 -16.30 -5.50 7.97
C LYS A 37 -15.57 -4.16 8.02
N ILE A 38 -15.84 -3.32 7.04
CA ILE A 38 -15.18 -2.02 6.94
C ILE A 38 -15.96 -0.93 7.66
N ARG A 39 -15.26 -0.17 8.49
CA ARG A 39 -15.85 0.95 9.20
C ARG A 39 -15.98 2.18 8.30
N LEU A 40 -17.21 2.54 7.97
CA LEU A 40 -17.47 3.68 7.08
C LEU A 40 -17.05 5.00 7.72
N ASP A 41 -16.88 6.02 6.88
CA ASP A 41 -16.47 7.33 7.35
C ASP A 41 -17.53 7.96 8.24
N THR A 42 -17.10 8.87 9.12
CA THR A 42 -18.00 9.50 10.08
C THR A 42 -18.94 10.50 9.43
N GLU A 43 -18.37 11.49 8.75
CA GLU A 43 -19.18 12.58 8.19
C GLU A 43 -20.00 12.16 6.98
N THR A 44 -19.48 11.19 6.21
CA THR A 44 -20.03 10.91 4.90
C THR A 44 -20.71 9.55 4.78
N GLU A 45 -20.40 8.65 5.70
CA GLU A 45 -20.85 7.25 5.63
C GLU A 45 -20.40 6.60 4.34
N GLY A 46 -19.23 7.03 3.84
CA GLY A 46 -18.69 6.52 2.60
C GLY A 46 -17.48 5.63 2.82
N VAL A 47 -17.11 4.88 1.79
CA VAL A 47 -15.99 3.95 1.86
C VAL A 47 -14.66 4.70 2.05
N PRO A 48 -13.89 4.33 3.08
CA PRO A 48 -12.57 4.92 3.34
C PRO A 48 -11.62 4.75 2.16
N SER A 49 -10.67 5.66 2.02
CA SER A 49 -9.71 5.62 0.93
C SER A 49 -8.83 4.37 1.01
N THR A 50 -8.57 3.92 2.24
CA THR A 50 -7.75 2.73 2.46
C THR A 50 -8.43 1.48 1.92
N ALA A 51 -9.74 1.39 2.13
CA ALA A 51 -10.52 0.25 1.65
C ALA A 51 -10.58 0.25 0.13
N ILE A 52 -10.75 1.43 -0.46
CA ILE A 52 -10.78 1.57 -1.91
C ILE A 52 -9.46 1.10 -2.52
N ARG A 53 -8.35 1.56 -1.95
CA ARG A 53 -7.03 1.20 -2.43
C ARG A 53 -6.74 -0.28 -2.24
N GLU A 54 -7.09 -0.82 -1.07
CA GLU A 54 -6.83 -2.22 -0.77
C GLU A 54 -7.59 -3.15 -1.72
N ILE A 55 -8.87 -2.89 -1.92
CA ILE A 55 -9.69 -3.70 -2.81
C ILE A 55 -9.26 -3.56 -4.27
N SER A 56 -9.03 -2.32 -4.69
CA SER A 56 -8.62 -2.05 -6.08
C SER A 56 -7.28 -2.69 -6.41
N LEU A 57 -6.36 -2.70 -5.44
CA LEU A 57 -5.04 -3.28 -5.66
C LEU A 57 -5.09 -4.81 -5.63
N LEU A 58 -5.79 -5.36 -4.66
CA LEU A 58 -5.86 -6.81 -4.49
C LEU A 58 -6.69 -7.47 -5.59
N LYS A 59 -7.47 -6.67 -6.31
CA LYS A 59 -8.32 -7.19 -7.37
C LYS A 59 -7.50 -7.47 -8.63
N GLU A 60 -6.37 -6.78 -8.75
CA GLU A 60 -5.47 -6.96 -9.89
C GLU A 60 -4.20 -7.70 -9.49
N LEU A 61 -4.08 -8.02 -8.21
CA LEU A 61 -2.93 -8.75 -7.71
C LEU A 61 -3.30 -10.18 -7.33
N ASN A 62 -2.87 -11.14 -8.14
CA ASN A 62 -3.08 -12.55 -7.86
C ASN A 62 -1.75 -13.29 -7.77
N HIS A 63 -1.37 -13.69 -6.57
CA HIS A 63 -0.10 -14.35 -6.33
C HIS A 63 -0.21 -15.32 -5.16
N PRO A 64 0.45 -16.48 -5.25
CA PRO A 64 0.41 -17.49 -4.19
C PRO A 64 0.96 -16.99 -2.84
N ASN A 65 1.70 -15.89 -2.86
CA ASN A 65 2.24 -15.30 -1.63
C ASN A 65 1.52 -14.01 -1.27
N ILE A 66 0.34 -13.80 -1.86
CA ILE A 66 -0.49 -12.64 -1.56
C ILE A 66 -1.90 -13.12 -1.24
N VAL A 67 -2.47 -12.61 -0.15
CA VAL A 67 -3.82 -13.01 0.27
C VAL A 67 -4.83 -12.74 -0.84
N LYS A 68 -5.73 -13.70 -1.04
CA LYS A 68 -6.69 -13.62 -2.14
C LYS A 68 -8.00 -12.98 -1.72
N LEU A 69 -8.43 -11.96 -2.46
CA LEU A 69 -9.73 -11.34 -2.25
C LEU A 69 -10.79 -12.13 -3.02
N LEU A 70 -11.71 -12.74 -2.28
CA LEU A 70 -12.70 -13.62 -2.89
C LEU A 70 -13.91 -12.87 -3.44
N ASP A 71 -14.47 -11.98 -2.63
CA ASP A 71 -15.67 -11.26 -3.02
C ASP A 71 -15.85 -9.97 -2.21
N VAL A 72 -16.64 -9.05 -2.74
CA VAL A 72 -16.94 -7.79 -2.04
C VAL A 72 -18.45 -7.60 -1.91
N ILE A 73 -18.94 -7.70 -0.69
CA ILE A 73 -20.37 -7.50 -0.43
C ILE A 73 -20.66 -6.02 -0.20
N HIS A 74 -21.23 -5.36 -1.20
CA HIS A 74 -21.44 -3.93 -1.15
C HIS A 74 -22.91 -3.53 -1.03
N THR A 75 -23.29 -3.09 0.16
CA THR A 75 -24.63 -2.56 0.39
C THR A 75 -24.47 -1.11 0.87
N GLU A 76 -25.54 -0.33 0.81
CA GLU A 76 -25.48 1.09 1.15
C GLU A 76 -25.04 1.34 2.59
N ASN A 77 -25.37 0.42 3.49
CA ASN A 77 -25.10 0.61 4.91
C ASN A 77 -23.89 -0.17 5.40
N LYS A 78 -23.60 -1.30 4.76
CA LYS A 78 -22.51 -2.17 5.19
C LYS A 78 -21.54 -2.48 4.06
N LEU A 79 -20.30 -2.81 4.41
CA LEU A 79 -19.30 -3.21 3.43
C LEU A 79 -18.44 -4.35 3.96
N TYR A 80 -18.64 -5.54 3.40
CA TYR A 80 -17.90 -6.72 3.83
C TYR A 80 -16.84 -7.11 2.80
N LEU A 81 -15.66 -7.46 3.29
CA LEU A 81 -14.58 -7.93 2.43
C LEU A 81 -14.30 -9.41 2.72
N VAL A 82 -14.52 -10.25 1.72
CA VAL A 82 -14.31 -11.69 1.87
C VAL A 82 -12.91 -12.09 1.45
N PHE A 83 -12.10 -12.52 2.41
CA PHE A 83 -10.75 -12.99 2.14
C PHE A 83 -10.64 -14.49 2.37
N GLU A 84 -9.58 -15.09 1.82
CA GLU A 84 -9.26 -16.47 2.15
C GLU A 84 -8.80 -16.55 3.60
N PHE A 85 -9.10 -17.65 4.26
CA PHE A 85 -8.75 -17.80 5.67
C PHE A 85 -7.38 -18.45 5.84
N LEU A 86 -6.55 -17.85 6.68
CA LEU A 86 -5.29 -18.45 7.07
C LEU A 86 -5.29 -18.63 8.59
N HIS A 87 -4.48 -19.56 9.08
CA HIS A 87 -4.50 -19.94 10.50
C HIS A 87 -4.27 -18.76 11.44
N GLN A 88 -3.13 -18.11 11.30
CA GLN A 88 -2.77 -16.98 12.17
C GLN A 88 -1.75 -16.07 11.52
N ASP A 89 -1.49 -14.93 12.14
CA ASP A 89 -0.50 -13.99 11.65
C ASP A 89 0.89 -14.38 12.15
N LEU A 90 1.92 -13.77 11.56
CA LEU A 90 3.30 -14.12 11.89
C LEU A 90 3.69 -13.72 13.30
N LYS A 91 3.14 -12.60 13.78
CA LYS A 91 3.47 -12.09 15.10
C LYS A 91 3.07 -13.05 16.20
N LYS A 92 1.86 -13.59 16.12
CA LYS A 92 1.36 -14.53 17.11
C LYS A 92 2.17 -15.83 17.08
N PHE A 93 2.70 -16.16 15.91
CA PHE A 93 3.52 -17.35 15.75
C PHE A 93 4.90 -17.14 16.39
N MET A 94 5.43 -15.92 16.26
CA MET A 94 6.72 -15.59 16.85
C MET A 94 6.63 -15.54 18.37
N ASP A 95 5.50 -15.05 18.87
CA ASP A 95 5.27 -15.00 20.31
C ASP A 95 5.06 -16.40 20.88
N ALA A 96 4.51 -17.28 20.04
CA ALA A 96 4.26 -18.66 20.45
C ALA A 96 5.53 -19.50 20.40
N SER A 97 6.53 -19.01 19.66
CA SER A 97 7.79 -19.71 19.52
C SER A 97 8.93 -18.97 20.22
N ALA A 98 8.57 -17.98 21.04
CA ALA A 98 9.54 -17.08 21.66
C ALA A 98 10.54 -17.79 22.55
N LEU A 99 10.14 -18.92 23.14
CA LEU A 99 11.01 -19.65 24.04
C LEU A 99 11.64 -20.86 23.36
N THR A 100 10.91 -21.46 22.43
CA THR A 100 11.39 -22.64 21.72
C THR A 100 12.29 -22.25 20.56
N GLY A 101 11.86 -21.24 19.80
CA GLY A 101 12.62 -20.79 18.65
C GLY A 101 12.05 -21.30 17.34
N ILE A 102 12.22 -20.51 16.28
CA ILE A 102 11.79 -20.92 14.95
C ILE A 102 12.97 -21.49 14.17
N PRO A 103 12.82 -22.73 13.66
CA PRO A 103 13.88 -23.38 12.88
C PRO A 103 14.29 -22.56 11.66
N LEU A 104 15.58 -22.46 11.42
CA LEU A 104 16.12 -21.67 10.32
C LEU A 104 15.59 -22.04 8.92
N PRO A 105 15.36 -23.35 8.65
CA PRO A 105 14.74 -23.64 7.35
C PRO A 105 13.36 -23.00 7.17
N LEU A 106 12.60 -22.88 8.26
CA LEU A 106 11.27 -22.26 8.19
C LEU A 106 11.38 -20.75 8.04
N ILE A 107 12.36 -20.16 8.72
CA ILE A 107 12.65 -18.73 8.57
C ILE A 107 13.04 -18.42 7.14
N LYS A 108 13.96 -19.23 6.61
CA LYS A 108 14.42 -19.09 5.24
C LYS A 108 13.27 -19.25 4.25
N SER A 109 12.38 -20.18 4.55
CA SER A 109 11.22 -20.44 3.71
C SER A 109 10.27 -19.24 3.68
N TYR A 110 9.94 -18.73 4.87
CA TYR A 110 9.06 -17.57 5.00
C TYR A 110 9.62 -16.35 4.28
N LEU A 111 10.88 -16.03 4.57
CA LEU A 111 11.54 -14.89 3.95
C LEU A 111 11.57 -15.03 2.43
N PHE A 112 11.77 -16.26 1.96
CA PHE A 112 11.81 -16.55 0.54
C PHE A 112 10.47 -16.24 -0.12
N GLN A 113 9.39 -16.77 0.47
CA GLN A 113 8.05 -16.55 -0.05
C GLN A 113 7.64 -15.07 0.04
N LEU A 114 8.00 -14.43 1.13
CA LEU A 114 7.71 -13.01 1.33
C LEU A 114 8.41 -12.16 0.27
N LEU A 115 9.66 -12.52 -0.03
CA LEU A 115 10.43 -11.83 -1.06
C LEU A 115 9.82 -12.06 -2.44
N GLN A 116 9.24 -13.24 -2.63
CA GLN A 116 8.57 -13.56 -3.89
C GLN A 116 7.34 -12.67 -4.09
N GLY A 117 6.49 -12.65 -3.08
CA GLY A 117 5.28 -11.84 -3.12
C GLY A 117 5.57 -10.36 -3.23
N LEU A 118 6.64 -9.91 -2.56
CA LEU A 118 7.03 -8.52 -2.61
C LEU A 118 7.57 -8.17 -3.99
N ALA A 119 8.29 -9.10 -4.59
CA ALA A 119 8.81 -8.92 -5.95
C ALA A 119 7.67 -8.81 -6.95
N PHE A 120 6.61 -9.57 -6.70
CA PHE A 120 5.44 -9.54 -7.57
C PHE A 120 4.74 -8.18 -7.47
N CYS A 121 4.65 -7.66 -6.26
CA CYS A 121 4.04 -6.34 -6.04
C CYS A 121 4.86 -5.24 -6.70
N HIS A 122 6.17 -5.32 -6.56
CA HIS A 122 7.07 -4.30 -7.08
C HIS A 122 7.14 -4.32 -8.61
N SER A 123 7.02 -5.51 -9.20
CA SER A 123 7.01 -5.64 -10.65
C SER A 123 5.73 -5.06 -11.23
N HIS A 124 4.66 -5.10 -10.45
CA HIS A 124 3.37 -4.55 -10.88
C HIS A 124 3.21 -3.11 -10.42
N ARG A 125 4.34 -2.47 -10.08
CA ARG A 125 4.36 -1.09 -9.62
C ARG A 125 3.42 -0.87 -8.42
N VAL A 126 3.61 -1.68 -7.39
CA VAL A 126 2.78 -1.57 -6.18
C VAL A 126 3.63 -1.59 -4.91
N LEU A 127 3.52 -0.55 -4.11
CA LEU A 127 4.14 -0.51 -2.79
C LEU A 127 3.16 -1.03 -1.75
N HIS A 128 3.64 -1.86 -0.82
CA HIS A 128 2.80 -2.35 0.26
C HIS A 128 2.80 -1.35 1.41
N ARG A 129 4.00 -0.87 1.74
CA ARG A 129 4.22 0.20 2.72
C ARG A 129 3.81 -0.12 4.16
N ASP A 130 3.40 -1.35 4.43
CA ASP A 130 2.96 -1.70 5.79
C ASP A 130 3.37 -3.11 6.18
N LEU A 131 4.62 -3.47 5.88
CA LEU A 131 5.12 -4.81 6.16
C LEU A 131 5.51 -4.99 7.63
N LYS A 132 4.62 -5.64 8.38
CA LYS A 132 4.87 -5.97 9.78
C LYS A 132 4.26 -7.34 10.07
N PRO A 133 4.83 -8.07 11.05
CA PRO A 133 4.45 -9.46 11.37
C PRO A 133 2.94 -9.72 11.45
N GLN A 134 2.16 -8.76 11.96
CA GLN A 134 0.74 -8.97 12.11
C GLN A 134 -0.01 -8.84 10.79
N ASN A 135 0.68 -8.32 9.78
CA ASN A 135 0.09 -8.22 8.44
C ASN A 135 0.57 -9.36 7.53
N LEU A 136 1.30 -10.30 8.13
CA LEU A 136 1.78 -11.47 7.40
C LEU A 136 1.08 -12.72 7.91
N LEU A 137 0.27 -13.34 7.05
CA LEU A 137 -0.53 -14.48 7.45
C LEU A 137 0.10 -15.80 7.04
N ILE A 138 0.00 -16.80 7.92
CA ILE A 138 0.55 -18.13 7.64
C ILE A 138 -0.52 -19.20 7.77
N ASN A 139 -0.28 -20.34 7.13
CA ASN A 139 -1.19 -21.48 7.24
C ASN A 139 -0.50 -22.70 7.84
N THR A 140 -1.20 -23.82 7.85
CA THR A 140 -0.70 -25.04 8.51
C THR A 140 0.25 -25.85 7.63
N GLU A 141 0.44 -25.41 6.39
CA GLU A 141 1.24 -26.19 5.45
C GLU A 141 2.50 -25.45 4.97
N GLY A 142 2.92 -24.44 5.73
CA GLY A 142 4.19 -23.80 5.48
C GLY A 142 4.19 -22.63 4.51
N ALA A 143 3.02 -22.07 4.24
CA ALA A 143 2.92 -20.94 3.33
C ALA A 143 2.69 -19.64 4.10
N ILE A 144 3.30 -18.56 3.63
CA ILE A 144 3.12 -17.25 4.21
C ILE A 144 2.72 -16.24 3.13
N LYS A 145 1.79 -15.36 3.46
CA LYS A 145 1.26 -14.41 2.47
C LYS A 145 1.22 -12.99 2.99
N LEU A 146 1.42 -12.03 2.09
CA LEU A 146 1.29 -10.62 2.41
C LEU A 146 -0.19 -10.26 2.54
N ALA A 147 -0.55 -9.53 3.60
CA ALA A 147 -1.94 -9.14 3.82
C ALA A 147 -2.05 -7.68 4.22
N ASP A 148 -3.29 -7.22 4.37
CA ASP A 148 -3.58 -5.84 4.77
C ASP A 148 -2.95 -4.83 3.82
N PHE A 149 -3.57 -4.64 2.66
CA PHE A 149 -3.08 -3.68 1.67
C PHE A 149 -3.75 -2.32 1.82
N GLY A 150 -4.12 -1.98 3.04
CA GLY A 150 -4.81 -0.72 3.31
C GLY A 150 -3.95 0.51 3.10
N LEU A 151 -2.66 0.39 3.37
CA LEU A 151 -1.74 1.51 3.21
C LEU A 151 -0.90 1.32 1.96
N ALA A 152 -1.35 0.42 1.09
CA ALA A 152 -0.65 0.12 -0.16
C ALA A 152 -1.08 1.08 -1.26
N ARG A 153 -0.22 1.25 -2.28
CA ARG A 153 -0.54 2.11 -3.40
C ARG A 153 0.36 1.84 -4.59
N ALA A 154 -0.09 2.25 -5.78
CA ALA A 154 0.72 2.10 -6.99
C ALA A 154 1.65 3.30 -7.15
N PHE A 155 2.80 3.08 -7.79
CA PHE A 155 3.76 4.16 -7.98
C PHE A 155 4.21 4.30 -9.43
N GLY A 156 3.39 3.83 -10.36
CA GLY A 156 3.68 3.94 -11.77
C GLY A 156 3.54 5.36 -12.30
N VAL A 157 2.47 6.02 -11.90
CA VAL A 157 2.20 7.39 -12.34
C VAL A 157 3.15 8.38 -11.68
N PRO A 158 3.80 9.23 -12.48
CA PRO A 158 4.79 10.20 -12.00
C PRO A 158 4.25 11.28 -11.07
N VAL A 159 5.16 12.02 -10.45
CA VAL A 159 4.89 13.13 -9.52
C VAL A 159 3.58 13.05 -8.72
N ARG A 160 3.38 11.92 -8.03
CA ARG A 160 2.23 11.80 -7.15
C ARG A 160 2.61 12.22 -5.73
N THR A 161 1.61 12.61 -4.94
CA THR A 161 1.84 12.97 -3.55
C THR A 161 1.88 11.72 -2.67
N TYR A 162 2.84 11.67 -1.76
CA TYR A 162 3.00 10.52 -0.87
C TYR A 162 2.93 10.93 0.59
N THR A 163 2.75 9.96 1.48
CA THR A 163 2.69 10.22 2.91
C THR A 163 3.80 9.47 3.64
N HIS A 164 3.98 9.76 4.92
CA HIS A 164 5.05 9.14 5.69
C HIS A 164 4.50 8.23 6.78
N GLU A 165 3.23 8.43 7.13
CA GLU A 165 2.55 7.49 8.01
C GLU A 165 2.38 6.19 7.24
N VAL A 166 3.43 5.36 7.25
CA VAL A 166 3.45 4.17 6.42
C VAL A 166 3.30 2.89 7.23
N VAL A 167 4.06 2.79 8.33
CA VAL A 167 4.07 1.56 9.12
C VAL A 167 4.51 1.93 10.53
N THR A 168 4.15 1.10 11.51
CA THR A 168 4.60 1.30 12.88
C THR A 168 6.12 1.47 12.87
N LEU A 169 6.59 2.41 13.69
CA LEU A 169 7.98 2.89 13.65
C LEU A 169 9.02 1.78 13.56
N TRP A 170 8.75 0.66 14.24
CA TRP A 170 9.70 -0.45 14.32
C TRP A 170 10.18 -0.95 12.97
N TYR A 171 9.33 -0.86 11.96
CA TYR A 171 9.66 -1.40 10.65
C TYR A 171 9.71 -0.33 9.58
N ARG A 172 9.84 0.93 10.01
CA ARG A 172 9.90 2.05 9.09
C ARG A 172 11.34 2.36 8.70
N ALA A 173 11.59 2.46 7.40
CA ALA A 173 12.93 2.73 6.87
C ALA A 173 13.44 4.09 7.34
N PRO A 174 14.76 4.22 7.55
CA PRO A 174 15.37 5.45 8.04
C PRO A 174 15.22 6.61 7.07
N GLU A 175 15.02 6.32 5.79
CA GLU A 175 14.80 7.36 4.80
C GLU A 175 13.51 8.12 5.12
N ILE A 176 12.48 7.40 5.54
CA ILE A 176 11.22 8.04 5.85
C ILE A 176 11.30 8.79 7.17
N LEU A 177 12.05 8.23 8.12
CA LEU A 177 12.24 8.85 9.43
C LEU A 177 12.95 10.19 9.34
N LEU A 178 13.87 10.32 8.38
CA LEU A 178 14.63 11.55 8.20
C LEU A 178 13.85 12.56 7.36
N GLY A 179 12.60 12.23 7.06
CA GLY A 179 11.72 13.15 6.37
C GLY A 179 12.00 13.37 4.89
N CYS A 180 12.91 12.59 4.32
CA CYS A 180 13.19 12.73 2.89
C CYS A 180 12.19 11.88 2.10
N LYS A 181 11.15 12.53 1.59
CA LYS A 181 10.11 11.83 0.85
C LYS A 181 10.32 11.97 -0.65
N TYR A 182 10.12 10.84 -1.32
CA TYR A 182 10.37 10.59 -2.75
C TYR A 182 10.67 9.10 -2.81
N TYR A 183 10.50 8.46 -1.66
CA TYR A 183 10.87 7.07 -1.44
C TYR A 183 10.18 6.12 -2.39
N SER A 184 10.70 4.89 -2.47
CA SER A 184 10.12 3.89 -3.34
C SER A 184 10.28 2.49 -2.74
N THR A 185 10.51 1.51 -3.61
CA THR A 185 10.53 0.09 -3.25
C THR A 185 11.39 -0.26 -2.04
N ALA A 186 12.47 0.48 -1.84
CA ALA A 186 13.47 0.15 -0.82
C ALA A 186 12.89 0.03 0.59
N VAL A 187 11.87 0.82 0.88
CA VAL A 187 11.30 0.86 2.24
C VAL A 187 10.64 -0.47 2.62
N ASP A 188 10.07 -1.16 1.63
CA ASP A 188 9.45 -2.46 1.87
C ASP A 188 10.52 -3.50 2.19
N ILE A 189 11.63 -3.43 1.48
CA ILE A 189 12.76 -4.31 1.72
C ILE A 189 13.29 -4.15 3.15
N TRP A 190 13.39 -2.90 3.58
CA TRP A 190 13.86 -2.59 4.94
C TRP A 190 13.00 -3.28 5.99
N SER A 191 11.68 -3.21 5.79
CA SER A 191 10.74 -3.83 6.71
C SER A 191 10.98 -5.33 6.84
N LEU A 192 11.11 -5.99 5.69
CA LEU A 192 11.38 -7.43 5.68
C LEU A 192 12.71 -7.74 6.36
N GLY A 193 13.67 -6.83 6.20
CA GLY A 193 14.96 -6.98 6.85
C GLY A 193 14.81 -6.99 8.36
N CYS A 194 13.96 -6.11 8.88
CA CYS A 194 13.67 -6.07 10.30
C CYS A 194 12.94 -7.34 10.74
N ILE A 195 11.94 -7.73 9.94
CA ILE A 195 11.16 -8.94 10.21
C ILE A 195 12.05 -10.18 10.15
N PHE A 196 13.02 -10.17 9.23
CA PHE A 196 14.00 -11.25 9.11
C PHE A 196 14.71 -11.47 10.44
N ALA A 197 15.23 -10.40 11.02
CA ALA A 197 15.93 -10.47 12.30
C ALA A 197 14.98 -10.92 13.41
N GLU A 198 13.76 -10.41 13.38
CA GLU A 198 12.77 -10.71 14.41
C GLU A 198 12.33 -12.17 14.35
N MET A 199 12.59 -12.84 13.22
CA MET A 199 12.26 -14.24 13.10
C MET A 199 13.35 -15.11 13.72
N VAL A 200 14.58 -14.61 13.73
CA VAL A 200 15.71 -15.37 14.26
C VAL A 200 15.82 -15.26 15.78
N THR A 201 15.74 -14.03 16.29
CA THR A 201 15.91 -13.79 17.72
C THR A 201 14.58 -13.72 18.47
N ARG A 202 13.48 -13.73 17.71
CA ARG A 202 12.13 -13.59 18.28
C ARG A 202 12.03 -12.33 19.13
N ARG A 203 12.63 -11.26 18.61
CA ARG A 203 12.69 -9.99 19.32
C ARG A 203 12.86 -8.86 18.30
N ALA A 204 12.07 -7.81 18.43
CA ALA A 204 12.10 -6.69 17.49
C ALA A 204 13.49 -6.07 17.42
N LEU A 205 13.94 -5.80 16.20
CA LEU A 205 15.28 -5.29 15.96
C LEU A 205 15.41 -3.82 16.38
N PHE A 206 14.46 -2.99 15.95
CA PHE A 206 14.46 -1.58 16.31
C PHE A 206 13.16 -1.19 17.01
N PRO A 207 13.09 -1.43 18.33
CA PRO A 207 11.88 -1.13 19.10
C PRO A 207 11.84 0.29 19.66
N GLY A 208 11.65 1.27 18.78
CA GLY A 208 11.59 2.67 19.21
C GLY A 208 10.19 3.10 19.60
N ASP A 209 10.10 4.13 20.42
CA ASP A 209 8.80 4.65 20.85
C ASP A 209 8.48 5.98 20.17
N SER A 210 9.47 6.56 19.51
CA SER A 210 9.29 7.79 18.75
C SER A 210 10.16 7.75 17.50
N GLU A 211 10.02 8.76 16.65
CA GLU A 211 10.81 8.84 15.42
C GLU A 211 12.30 8.99 15.73
N ILE A 212 12.60 9.84 16.71
CA ILE A 212 13.99 10.10 17.08
C ILE A 212 14.58 8.92 17.86
N ASP A 213 13.73 8.21 18.60
CA ASP A 213 14.17 7.04 19.34
C ASP A 213 14.41 5.88 18.39
N GLN A 214 13.50 5.72 17.43
CA GLN A 214 13.63 4.71 16.39
C GLN A 214 14.92 4.91 15.61
N LEU A 215 15.20 6.16 15.26
CA LEU A 215 16.44 6.52 14.59
C LEU A 215 17.65 6.16 15.45
N PHE A 216 17.57 6.48 16.75
CA PHE A 216 18.68 6.24 17.67
C PHE A 216 19.00 4.75 17.83
N ARG A 217 17.96 3.92 17.87
CA ARG A 217 18.16 2.48 17.99
C ARG A 217 18.75 1.91 16.71
N ILE A 218 18.30 2.42 15.57
CA ILE A 218 18.85 2.05 14.28
C ILE A 218 20.32 2.45 14.20
N PHE A 219 20.65 3.58 14.83
CA PHE A 219 22.03 4.10 14.82
C PHE A 219 22.96 3.24 15.64
N ARG A 220 22.52 2.87 16.84
CA ARG A 220 23.36 2.08 17.72
C ARG A 220 23.58 0.68 17.15
N THR A 221 22.61 0.20 16.39
CA THR A 221 22.68 -1.14 15.81
C THR A 221 23.52 -1.16 14.54
N LEU A 222 23.35 -0.14 13.69
CA LEU A 222 23.98 -0.14 12.37
C LEU A 222 25.05 0.94 12.21
N GLY A 223 25.28 1.75 13.25
CA GLY A 223 26.24 2.83 13.17
C GLY A 223 25.60 4.12 12.72
N THR A 224 26.08 5.24 13.24
CA THR A 224 25.56 6.54 12.85
C THR A 224 26.04 6.91 11.45
N PRO A 225 25.09 7.11 10.52
CA PRO A 225 25.34 7.33 9.10
C PRO A 225 26.15 8.59 8.79
N ASP A 226 27.12 8.45 7.89
CA ASP A 226 27.86 9.59 7.35
C ASP A 226 27.57 9.67 5.85
N GLU A 227 28.35 10.48 5.13
CA GLU A 227 28.12 10.65 3.70
C GLU A 227 29.00 9.73 2.84
N VAL A 228 29.81 8.91 3.49
CA VAL A 228 30.60 7.92 2.76
C VAL A 228 29.80 6.63 2.62
N VAL A 229 28.74 6.52 3.41
CA VAL A 229 27.84 5.37 3.35
C VAL A 229 26.50 5.80 2.77
N TRP A 230 26.09 7.03 3.08
CA TRP A 230 24.85 7.58 2.56
C TRP A 230 25.08 9.01 2.07
N PRO A 231 25.28 9.16 0.74
CA PRO A 231 25.70 10.38 0.05
C PRO A 231 24.97 11.66 0.46
N GLY A 232 23.65 11.60 0.68
CA GLY A 232 22.91 12.80 0.97
C GLY A 232 22.22 12.83 2.33
N VAL A 233 22.84 12.18 3.31
CA VAL A 233 22.22 12.03 4.63
C VAL A 233 22.28 13.32 5.46
N THR A 234 23.28 14.15 5.21
CA THR A 234 23.48 15.35 6.02
C THR A 234 22.62 16.52 5.55
N SER A 235 22.14 16.45 4.31
CA SER A 235 21.34 17.53 3.75
C SER A 235 19.84 17.21 3.84
N MET A 236 19.51 16.17 4.60
CA MET A 236 18.13 15.72 4.74
C MET A 236 17.36 16.62 5.71
N PRO A 237 16.06 16.83 5.43
CA PRO A 237 15.17 17.73 6.19
C PRO A 237 15.23 17.52 7.71
N ASP A 238 15.12 16.28 8.16
CA ASP A 238 15.06 15.99 9.59
C ASP A 238 16.37 15.45 10.15
N TYR A 239 17.47 15.76 9.46
CA TYR A 239 18.78 15.38 9.95
C TYR A 239 19.26 16.43 10.94
N LYS A 240 19.95 15.98 11.98
CA LYS A 240 20.48 16.91 12.95
C LYS A 240 21.97 16.62 13.15
N PRO A 241 22.79 17.67 13.32
CA PRO A 241 24.23 17.54 13.59
C PRO A 241 24.49 17.08 15.02
N SER A 242 23.46 17.18 15.86
CA SER A 242 23.59 16.83 17.27
C SER A 242 23.39 15.34 17.47
N PHE A 243 23.29 14.60 16.36
CA PHE A 243 23.21 13.14 16.40
C PHE A 243 24.41 12.55 17.14
N PRO A 244 24.15 11.73 18.16
CA PRO A 244 25.22 10.99 18.84
C PRO A 244 25.83 9.91 17.94
N LYS A 245 27.14 9.96 17.74
CA LYS A 245 27.81 9.06 16.80
C LYS A 245 28.14 7.72 17.43
N TRP A 246 27.54 6.65 16.91
CA TRP A 246 27.85 5.30 17.33
C TRP A 246 28.51 4.51 16.22
N ALA A 247 29.42 3.61 16.59
CA ALA A 247 30.05 2.74 15.62
C ALA A 247 29.12 1.58 15.28
N ARG A 248 29.30 1.00 14.09
CA ARG A 248 28.49 -0.13 13.67
C ARG A 248 28.82 -1.37 14.52
N GLN A 249 27.79 -2.16 14.82
CA GLN A 249 27.99 -3.38 15.60
C GLN A 249 28.20 -4.58 14.68
N ASP A 250 28.84 -5.62 15.21
CA ASP A 250 29.04 -6.84 14.44
C ASP A 250 27.76 -7.67 14.44
N PHE A 251 27.48 -8.33 13.32
CA PHE A 251 26.16 -8.93 13.08
C PHE A 251 25.86 -10.27 13.76
N SER A 252 26.64 -10.67 14.75
CA SER A 252 26.28 -11.83 15.57
C SER A 252 26.04 -11.34 16.99
N LYS A 253 26.58 -10.15 17.26
CA LYS A 253 26.24 -9.42 18.46
C LYS A 253 24.87 -8.81 18.25
N VAL A 254 24.44 -8.82 16.98
CA VAL A 254 23.12 -8.37 16.58
C VAL A 254 22.18 -9.56 16.37
N VAL A 255 22.66 -10.59 15.67
CA VAL A 255 21.87 -11.80 15.45
C VAL A 255 22.79 -13.03 15.45
N PRO A 256 22.98 -13.63 16.63
CA PRO A 256 23.89 -14.76 16.84
C PRO A 256 23.65 -16.05 16.01
N PRO A 257 22.39 -16.50 15.83
CA PRO A 257 22.28 -17.84 15.23
C PRO A 257 22.42 -17.90 13.70
N LEU A 258 22.55 -16.76 13.03
CA LEU A 258 22.67 -16.76 11.57
C LEU A 258 23.98 -17.40 11.10
N ASP A 259 24.02 -17.75 9.82
CA ASP A 259 25.21 -18.29 9.17
C ASP A 259 25.82 -17.19 8.30
N GLU A 260 26.89 -17.48 7.57
CA GLU A 260 27.62 -16.43 6.86
C GLU A 260 26.75 -15.75 5.81
N ASP A 261 26.03 -16.54 5.01
CA ASP A 261 25.18 -15.99 3.97
C ASP A 261 24.01 -15.23 4.59
N GLY A 262 23.64 -15.62 5.80
CA GLY A 262 22.57 -14.97 6.54
C GLY A 262 22.90 -13.54 6.92
N ARG A 263 24.04 -13.32 7.60
CA ARG A 263 24.48 -11.97 7.92
C ARG A 263 24.65 -11.14 6.65
N SER A 264 25.06 -11.79 5.57
CA SER A 264 25.30 -11.11 4.31
C SER A 264 24.01 -10.50 3.77
N LEU A 265 22.98 -11.33 3.64
CA LEU A 265 21.70 -10.88 3.12
C LEU A 265 21.07 -9.83 4.01
N LEU A 266 21.10 -10.06 5.32
CA LEU A 266 20.53 -9.12 6.28
C LEU A 266 21.26 -7.78 6.23
N SER A 267 22.57 -7.83 6.01
CA SER A 267 23.37 -6.61 5.90
C SER A 267 23.01 -5.83 4.64
N GLN A 268 22.61 -6.55 3.59
CA GLN A 268 22.24 -5.91 2.33
C GLN A 268 20.85 -5.31 2.39
N MET A 269 19.94 -5.98 3.09
CA MET A 269 18.55 -5.51 3.19
C MET A 269 18.42 -4.28 4.08
N LEU A 270 19.41 -4.07 4.95
CA LEU A 270 19.38 -2.94 5.86
C LEU A 270 20.39 -1.87 5.49
N HIS A 271 20.61 -1.69 4.19
CA HIS A 271 21.51 -0.66 3.69
C HIS A 271 20.86 0.71 3.88
N TYR A 272 21.61 1.65 4.44
CA TYR A 272 21.11 3.01 4.68
C TYR A 272 20.70 3.69 3.38
N ASP A 273 21.52 3.55 2.34
CA ASP A 273 21.24 4.14 1.04
C ASP A 273 20.17 3.33 0.31
N PRO A 274 19.02 3.97 0.03
CA PRO A 274 17.92 3.33 -0.69
C PRO A 274 18.32 2.91 -2.10
N ASN A 275 19.17 3.70 -2.74
CA ASN A 275 19.63 3.41 -4.09
C ASN A 275 20.55 2.20 -4.15
N LYS A 276 21.20 1.89 -3.03
CA LYS A 276 22.11 0.76 -2.95
C LYS A 276 21.47 -0.44 -2.24
N ARG A 277 20.28 -0.23 -1.70
CA ARG A 277 19.57 -1.31 -1.02
C ARG A 277 19.06 -2.32 -2.04
N ILE A 278 19.15 -3.60 -1.69
CA ILE A 278 18.82 -4.68 -2.61
C ILE A 278 17.33 -4.72 -2.95
N SER A 279 17.01 -5.20 -4.15
CA SER A 279 15.63 -5.39 -4.55
C SER A 279 15.18 -6.79 -4.15
N ALA A 280 13.88 -7.04 -4.25
CA ALA A 280 13.34 -8.36 -3.89
C ALA A 280 13.83 -9.43 -4.86
N LYS A 281 13.88 -9.09 -6.15
CA LYS A 281 14.33 -10.02 -7.18
C LYS A 281 15.78 -10.44 -6.93
N ALA A 282 16.64 -9.45 -6.67
CA ALA A 282 18.05 -9.71 -6.43
C ALA A 282 18.25 -10.45 -5.10
N ALA A 283 17.30 -10.27 -4.18
CA ALA A 283 17.35 -10.95 -2.90
C ALA A 283 16.96 -12.42 -3.06
N LEU A 284 16.10 -12.69 -4.05
CA LEU A 284 15.68 -14.06 -4.34
C LEU A 284 16.81 -14.87 -4.94
N ALA A 285 17.79 -14.18 -5.52
CA ALA A 285 18.93 -14.84 -6.15
C ALA A 285 20.16 -14.82 -5.25
N HIS A 286 19.97 -14.40 -4.00
CA HIS A 286 21.06 -14.37 -3.03
C HIS A 286 21.48 -15.79 -2.65
N PRO A 287 22.75 -15.99 -2.33
CA PRO A 287 23.23 -17.28 -1.82
C PRO A 287 22.70 -17.65 -0.43
N PHE A 288 21.53 -17.12 -0.06
CA PHE A 288 20.88 -17.50 1.19
C PHE A 288 19.59 -18.28 0.89
N PHE A 289 19.34 -18.52 -0.39
CA PHE A 289 18.22 -19.36 -0.79
C PHE A 289 18.70 -20.41 -1.80
N GLN A 290 19.47 -21.36 -1.28
CA GLN A 290 20.12 -22.41 -2.06
C GLN A 290 19.55 -23.78 -1.70
N ASP A 291 19.40 -24.00 -0.41
CA ASP A 291 18.85 -25.25 0.12
C ASP A 291 17.46 -25.00 0.65
N VAL A 292 16.88 -23.89 0.24
CA VAL A 292 15.56 -23.48 0.71
C VAL A 292 14.53 -24.54 0.41
N THR A 293 13.67 -24.80 1.39
CA THR A 293 12.60 -25.77 1.23
C THR A 293 11.35 -25.21 1.90
N LYS A 294 10.30 -26.01 1.97
CA LYS A 294 9.04 -25.55 2.55
C LYS A 294 8.63 -26.43 3.73
N PRO A 295 9.24 -26.20 4.91
CA PRO A 295 8.91 -26.97 6.10
C PRO A 295 7.52 -26.65 6.63
N VAL A 296 6.93 -27.56 7.38
CA VAL A 296 5.63 -27.33 8.00
C VAL A 296 5.82 -26.81 9.43
N PRO A 297 5.12 -25.72 9.76
CA PRO A 297 5.19 -25.12 11.09
C PRO A 297 4.31 -25.86 12.09
N HIS A 298 4.70 -25.85 13.36
CA HIS A 298 3.88 -26.45 14.41
C HIS A 298 3.02 -25.38 15.06
N LEU A 299 1.73 -25.37 14.72
CA LEU A 299 0.80 -24.37 15.23
C LEU A 299 -0.07 -24.93 16.34
N GLN B 16 -12.57 7.72 -32.30
CA GLN B 16 -12.08 8.07 -30.98
C GLN B 16 -13.24 8.39 -30.02
N ASP B 17 -13.35 7.56 -28.98
CA ASP B 17 -14.36 7.71 -27.93
C ASP B 17 -14.13 9.04 -27.23
N MET B 18 -12.87 9.47 -27.28
CA MET B 18 -12.37 10.68 -26.64
C MET B 18 -13.19 11.95 -26.92
N THR B 19 -13.85 12.01 -28.07
CA THR B 19 -14.68 13.17 -28.40
C THR B 19 -15.71 13.42 -27.31
N ALA B 20 -16.37 12.34 -26.90
CA ALA B 20 -17.37 12.37 -25.83
C ALA B 20 -16.71 12.71 -24.48
N PHE B 21 -15.38 12.56 -24.41
CA PHE B 21 -14.68 12.96 -23.21
C PHE B 21 -14.39 14.45 -23.27
N PHE B 22 -14.02 14.92 -24.45
CA PHE B 22 -13.63 16.32 -24.63
C PHE B 22 -14.77 17.35 -24.56
N LYS B 23 -16.03 16.95 -24.65
CA LYS B 23 -17.08 17.96 -24.61
C LYS B 23 -17.17 18.57 -23.23
N LEU B 24 -16.82 17.80 -22.20
CA LEU B 24 -16.86 18.27 -20.82
C LEU B 24 -15.89 19.44 -20.58
N PHE B 25 -14.83 19.50 -21.38
CA PHE B 25 -13.79 20.49 -21.18
C PHE B 25 -14.01 21.74 -22.04
N ASP B 26 -15.23 21.87 -22.56
CA ASP B 26 -15.65 23.09 -23.24
C ASP B 26 -16.66 23.82 -22.37
N ASP B 27 -17.11 23.13 -21.32
CA ASP B 27 -18.04 23.71 -20.35
C ASP B 27 -17.37 24.88 -19.61
N ASP B 28 -18.15 25.91 -19.34
CA ASP B 28 -17.63 27.14 -18.74
C ASP B 28 -17.14 26.91 -17.31
N LEU B 29 -18.01 26.40 -16.46
CA LEU B 29 -17.67 26.19 -15.05
C LEU B 29 -16.54 25.16 -14.89
N ILE B 30 -16.45 24.26 -15.86
CA ILE B 30 -15.37 23.27 -15.88
C ILE B 30 -14.04 23.96 -16.13
N GLN B 31 -14.00 24.82 -17.14
CA GLN B 31 -12.81 25.58 -17.47
C GLN B 31 -12.39 26.48 -16.31
N ASP B 32 -13.37 26.96 -15.56
CA ASP B 32 -13.10 27.76 -14.37
C ASP B 32 -12.47 26.89 -13.28
N PHE B 33 -12.91 25.64 -13.20
CA PHE B 33 -12.37 24.68 -12.25
C PHE B 33 -10.92 24.35 -12.58
N LEU B 34 -10.62 24.24 -13.88
CA LEU B 34 -9.24 24.03 -14.32
C LEU B 34 -8.38 25.24 -13.99
N TRP B 35 -8.93 26.43 -14.26
CA TRP B 35 -8.21 27.68 -14.01
C TRP B 35 -7.92 27.86 -12.52
N MET B 36 -8.83 27.37 -11.68
CA MET B 36 -8.65 27.43 -10.24
C MET B 36 -7.47 26.57 -9.82
N ASP B 37 -7.38 25.38 -10.41
CA ASP B 37 -6.31 24.44 -10.11
C ASP B 37 -5.07 24.74 -10.95
N CYS B 38 -4.31 25.74 -10.55
CA CYS B 38 -3.12 26.16 -11.27
C CYS B 38 -2.00 25.13 -11.16
N CYS B 39 -1.76 24.66 -9.94
CA CYS B 39 -0.67 23.73 -9.67
C CYS B 39 -1.01 22.32 -10.14
N CYS B 40 -2.21 22.15 -10.68
CA CYS B 40 -2.69 20.85 -11.15
C CYS B 40 -2.64 19.81 -10.03
N LYS B 41 -3.08 20.20 -8.84
CA LYS B 41 -3.03 19.32 -7.67
C LYS B 41 -4.14 18.27 -7.71
N ILE B 42 -5.25 18.60 -8.35
CA ILE B 42 -6.38 17.68 -8.43
C ILE B 42 -6.83 17.44 -9.87
N ALA B 43 -6.29 18.22 -10.80
CA ALA B 43 -6.66 18.11 -12.20
C ALA B 43 -5.44 17.91 -13.08
N ASP B 44 -4.55 17.01 -12.67
CA ASP B 44 -3.37 16.69 -13.46
C ASP B 44 -3.77 15.97 -14.74
N LYS B 45 -2.88 16.00 -15.73
CA LYS B 45 -3.14 15.34 -17.01
C LYS B 45 -3.34 13.83 -16.83
N TYR B 46 -2.62 13.24 -15.89
CA TYR B 46 -2.76 11.82 -15.61
C TYR B 46 -4.10 11.53 -14.93
N LEU B 47 -4.50 12.41 -14.02
CA LEU B 47 -5.79 12.30 -13.36
C LEU B 47 -6.92 12.50 -14.37
N LEU B 48 -6.73 13.47 -15.26
CA LEU B 48 -7.72 13.75 -16.30
C LEU B 48 -7.75 12.64 -17.34
N ALA B 49 -6.73 11.79 -17.32
CA ALA B 49 -6.71 10.61 -18.18
C ALA B 49 -7.41 9.45 -17.48
N MET B 50 -7.19 9.33 -16.18
CA MET B 50 -7.79 8.27 -15.37
C MET B 50 -9.30 8.36 -15.33
N THR B 51 -9.83 9.58 -15.33
CA THR B 51 -11.28 9.78 -15.28
C THR B 51 -11.93 9.35 -16.59
N PHE B 52 -11.19 9.44 -17.69
CA PHE B 52 -11.67 8.93 -18.97
C PHE B 52 -11.64 7.41 -18.96
N VAL B 53 -10.59 6.84 -18.36
CA VAL B 53 -10.49 5.41 -18.20
C VAL B 53 -11.67 4.89 -17.39
N TYR B 54 -12.02 5.63 -16.33
CA TYR B 54 -13.17 5.30 -15.51
C TYR B 54 -14.46 5.36 -16.32
N PHE B 55 -14.54 6.33 -17.23
CA PHE B 55 -15.73 6.50 -18.06
C PHE B 55 -15.96 5.28 -18.96
N LYS B 56 -14.90 4.77 -19.57
CA LYS B 56 -15.02 3.62 -20.46
C LYS B 56 -15.17 2.33 -19.68
N ARG B 57 -14.51 2.24 -18.54
CA ARG B 57 -14.61 1.05 -17.69
C ARG B 57 -16.02 0.90 -17.12
N ALA B 58 -16.67 2.03 -16.86
CA ALA B 58 -18.05 2.02 -16.38
C ALA B 58 -19.01 1.83 -17.55
N LYS B 59 -18.46 1.84 -18.76
CA LYS B 59 -19.24 1.73 -19.99
C LYS B 59 -20.32 2.80 -20.04
N PHE B 60 -19.95 4.02 -19.67
CA PHE B 60 -20.85 5.17 -19.72
C PHE B 60 -21.31 5.43 -21.15
N THR B 61 -22.63 5.51 -21.33
CA THR B 61 -23.18 5.93 -22.60
C THR B 61 -22.93 7.42 -22.79
N ILE B 62 -23.14 7.91 -24.01
CA ILE B 62 -23.03 9.34 -24.30
C ILE B 62 -23.98 10.11 -23.39
N SER B 63 -25.05 9.43 -22.99
CA SER B 63 -26.07 9.98 -22.11
C SER B 63 -25.55 10.26 -20.70
N GLU B 64 -24.63 9.43 -20.26
CA GLU B 64 -24.15 9.48 -18.88
C GLU B 64 -22.92 10.34 -18.70
N HIS B 65 -22.51 11.03 -19.76
CA HIS B 65 -21.36 11.92 -19.69
C HIS B 65 -21.75 13.25 -19.05
N THR B 66 -22.26 13.17 -17.83
CA THR B 66 -22.67 14.36 -17.10
C THR B 66 -21.50 15.02 -16.41
N ARG B 67 -21.73 16.19 -15.83
CA ARG B 67 -20.69 16.91 -15.10
C ARG B 67 -20.46 16.28 -13.73
N ILE B 68 -21.54 15.77 -13.12
CA ILE B 68 -21.45 15.12 -11.83
C ILE B 68 -20.64 13.82 -11.93
N ASN B 69 -20.75 13.13 -13.07
CA ASN B 69 -20.01 11.90 -13.29
C ASN B 69 -18.53 12.17 -13.52
N PHE B 70 -18.23 13.32 -14.14
CA PHE B 70 -16.85 13.73 -14.31
C PHE B 70 -16.21 14.02 -12.96
N PHE B 71 -16.96 14.68 -12.08
CA PHE B 71 -16.44 15.07 -10.78
C PHE B 71 -16.25 13.90 -9.83
N ILE B 72 -17.19 12.94 -9.85
CA ILE B 72 -17.06 11.78 -8.98
C ILE B 72 -15.94 10.87 -9.47
N ALA B 73 -15.69 10.87 -10.78
CA ALA B 73 -14.62 10.07 -11.35
C ALA B 73 -13.27 10.70 -11.05
N LEU B 74 -13.22 12.02 -11.11
CA LEU B 74 -12.01 12.76 -10.79
C LEU B 74 -11.67 12.61 -9.31
N TYR B 75 -12.71 12.66 -8.48
CA TYR B 75 -12.54 12.49 -7.03
C TYR B 75 -12.04 11.09 -6.71
N LEU B 76 -12.57 10.10 -7.44
CA LEU B 76 -12.13 8.72 -7.27
C LEU B 76 -10.66 8.58 -7.67
N ALA B 77 -10.28 9.28 -8.73
CA ALA B 77 -8.90 9.26 -9.20
C ALA B 77 -7.95 9.84 -8.15
N ASN B 78 -8.34 10.97 -7.55
CA ASN B 78 -7.55 11.58 -6.49
C ASN B 78 -7.47 10.67 -5.27
N THR B 79 -8.57 10.02 -4.96
CA THR B 79 -8.63 9.09 -3.83
C THR B 79 -7.64 7.94 -4.02
N VAL B 80 -7.48 7.50 -5.26
CA VAL B 80 -6.63 6.36 -5.58
C VAL B 80 -5.15 6.72 -5.64
N GLU B 81 -4.83 7.81 -6.35
CA GLU B 81 -3.44 8.09 -6.68
C GLU B 81 -2.78 9.18 -5.82
N GLU B 82 -3.58 9.94 -5.08
CA GLU B 82 -3.05 11.04 -4.28
C GLU B 82 -3.16 10.78 -2.78
N ASP B 83 -2.03 10.84 -2.08
CA ASP B 83 -2.01 10.66 -0.62
C ASP B 83 -2.42 11.94 0.09
N GLU B 84 -2.13 13.08 -0.52
CA GLU B 84 -2.54 14.36 0.04
C GLU B 84 -4.06 14.49 -0.09
N GLU B 85 -4.76 14.09 0.97
CA GLU B 85 -6.20 13.85 0.92
C GLU B 85 -7.07 15.10 0.91
N GLU B 86 -6.52 16.23 1.32
CA GLU B 86 -7.34 17.40 1.61
C GLU B 86 -7.64 18.29 0.39
N THR B 87 -6.76 18.25 -0.61
CA THR B 87 -6.93 19.13 -1.77
C THR B 87 -8.15 18.76 -2.60
N LYS B 88 -8.46 17.48 -2.68
CA LYS B 88 -9.56 17.01 -3.52
C LYS B 88 -10.93 17.46 -2.98
N TYR B 89 -10.94 17.99 -1.77
CA TYR B 89 -12.18 18.52 -1.18
C TYR B 89 -12.64 19.76 -1.93
N GLU B 90 -11.73 20.39 -2.66
CA GLU B 90 -12.04 21.56 -3.47
C GLU B 90 -13.03 21.23 -4.59
N ILE B 91 -13.21 19.95 -4.86
CA ILE B 91 -14.15 19.48 -5.87
C ILE B 91 -15.59 19.67 -5.42
N PHE B 92 -15.81 19.51 -4.11
CA PHE B 92 -17.16 19.56 -3.53
C PHE B 92 -17.99 20.80 -3.91
N PRO B 93 -17.41 22.02 -3.85
CA PRO B 93 -18.24 23.16 -4.23
C PRO B 93 -18.66 23.17 -5.69
N TRP B 94 -17.70 22.97 -6.61
CA TRP B 94 -17.97 23.05 -8.04
C TRP B 94 -19.06 22.09 -8.50
N ALA B 95 -19.18 20.96 -7.81
CA ALA B 95 -20.13 19.93 -8.22
C ALA B 95 -21.47 20.05 -7.48
N LEU B 96 -21.45 20.67 -6.31
CA LEU B 96 -22.64 20.70 -5.45
C LEU B 96 -23.13 22.11 -5.18
N GLY B 97 -22.26 23.09 -5.38
CA GLY B 97 -22.62 24.48 -5.16
C GLY B 97 -22.15 25.03 -3.82
N LYS B 98 -22.86 26.02 -3.33
CA LYS B 98 -22.48 26.74 -2.11
C LYS B 98 -22.97 25.99 -0.87
N ASN B 99 -23.87 25.03 -1.10
CA ASN B 99 -24.40 24.19 -0.04
C ASN B 99 -23.68 22.85 0.00
N TRP B 100 -22.41 22.85 -0.44
CA TRP B 100 -21.64 21.62 -0.60
C TRP B 100 -21.34 20.94 0.73
N ARG B 101 -21.27 21.70 1.81
CA ARG B 101 -20.92 21.17 3.11
C ARG B 101 -22.01 20.23 3.65
N LYS B 102 -23.19 20.30 3.04
CA LYS B 102 -24.28 19.40 3.41
C LYS B 102 -24.76 18.60 2.22
N LEU B 103 -23.93 18.51 1.18
CA LEU B 103 -24.30 17.75 -0.01
C LEU B 103 -23.21 16.75 -0.42
N PHE B 104 -22.07 16.78 0.27
CA PHE B 104 -20.94 15.94 -0.14
C PHE B 104 -20.99 14.47 0.31
N PRO B 105 -21.71 14.15 1.41
CA PRO B 105 -21.87 12.71 1.65
C PRO B 105 -22.58 11.96 0.51
N ASN B 106 -23.57 12.59 -0.09
CA ASN B 106 -24.28 11.98 -1.21
C ASN B 106 -23.38 11.92 -2.44
N PHE B 107 -22.55 12.94 -2.60
CA PHE B 107 -21.55 12.98 -3.67
C PHE B 107 -20.60 11.78 -3.55
N LEU B 108 -20.15 11.53 -2.33
CA LEU B 108 -19.25 10.42 -2.05
C LEU B 108 -19.95 9.07 -2.21
N LYS B 109 -21.25 9.06 -1.95
CA LYS B 109 -22.05 7.86 -2.19
C LYS B 109 -22.08 7.53 -3.68
N LEU B 110 -22.21 8.57 -4.49
CA LEU B 110 -22.20 8.43 -5.94
C LEU B 110 -20.85 7.93 -6.42
N ARG B 111 -19.78 8.40 -5.76
CA ARG B 111 -18.43 7.95 -6.08
C ARG B 111 -18.29 6.46 -5.82
N ASP B 112 -18.82 6.01 -4.69
CA ASP B 112 -18.79 4.60 -4.33
C ASP B 112 -19.59 3.76 -5.32
N GLN B 113 -20.68 4.33 -5.82
CA GLN B 113 -21.52 3.65 -6.81
C GLN B 113 -20.76 3.48 -8.13
N LEU B 114 -20.04 4.53 -8.51
CA LEU B 114 -19.20 4.47 -9.71
C LEU B 114 -18.08 3.45 -9.54
N TRP B 115 -17.52 3.41 -8.34
CA TRP B 115 -16.45 2.48 -8.00
C TRP B 115 -16.95 1.04 -8.06
N ASP B 116 -18.21 0.85 -7.70
CA ASP B 116 -18.85 -0.47 -7.79
C ASP B 116 -19.10 -0.81 -9.27
N ARG B 117 -19.53 0.19 -10.03
CA ARG B 117 -19.88 0.01 -11.43
C ARG B 117 -18.69 -0.45 -12.27
N ILE B 118 -17.49 0.01 -11.92
CA ILE B 118 -16.29 -0.37 -12.65
C ILE B 118 -15.66 -1.62 -12.07
N ASP B 119 -16.42 -2.34 -11.25
CA ASP B 119 -15.97 -3.58 -10.62
C ASP B 119 -14.70 -3.39 -9.83
N TYR B 120 -14.58 -2.24 -9.17
CA TYR B 120 -13.50 -1.92 -8.25
C TYR B 120 -12.12 -1.82 -8.90
N ARG B 121 -12.07 -1.80 -10.23
CA ARG B 121 -10.80 -1.61 -10.93
C ARG B 121 -10.45 -0.13 -11.03
N ALA B 122 -10.19 0.49 -9.88
CA ALA B 122 -9.91 1.91 -9.83
C ALA B 122 -8.44 2.20 -10.17
N ILE B 123 -7.61 1.16 -10.10
CA ILE B 123 -6.18 1.32 -10.40
C ILE B 123 -5.94 1.48 -11.89
N VAL B 124 -5.25 2.55 -12.27
CA VAL B 124 -4.93 2.80 -13.67
C VAL B 124 -3.42 2.91 -13.86
N SER B 125 -2.85 1.94 -14.58
CA SER B 125 -1.42 1.93 -14.87
C SER B 125 -1.02 3.13 -15.71
N ARG B 126 0.25 3.50 -15.66
CA ARG B 126 0.74 4.64 -16.44
C ARG B 126 0.60 4.37 -17.94
N ARG B 127 0.82 3.12 -18.33
CA ARG B 127 0.71 2.73 -19.73
C ARG B 127 -0.66 3.07 -20.32
N CYS B 128 -1.72 2.78 -19.57
CA CYS B 128 -3.06 3.10 -20.01
C CYS B 128 -3.27 4.61 -20.09
N CYS B 129 -2.63 5.34 -19.19
CA CYS B 129 -2.70 6.80 -19.20
C CYS B 129 -2.00 7.40 -20.42
N GLU B 130 -0.86 6.82 -20.79
CA GLU B 130 -0.12 7.30 -21.94
C GLU B 130 -0.84 6.94 -23.24
N GLU B 131 -1.57 5.83 -23.23
CA GLU B 131 -2.32 5.39 -24.40
C GLU B 131 -3.50 6.31 -24.69
N VAL B 132 -4.19 6.74 -23.63
CA VAL B 132 -5.35 7.60 -23.80
C VAL B 132 -4.92 9.06 -23.97
N MET B 133 -3.67 9.36 -23.66
CA MET B 133 -3.13 10.70 -23.88
C MET B 133 -2.47 10.81 -25.24
N ALA B 134 -2.42 9.69 -25.96
CA ALA B 134 -1.74 9.63 -27.25
C ALA B 134 -2.71 9.83 -28.41
N ILE B 135 -4.01 9.67 -28.14
CA ILE B 135 -5.03 9.80 -29.17
C ILE B 135 -5.08 11.23 -29.72
N ALA B 136 -4.96 12.20 -28.82
CA ALA B 136 -4.98 13.60 -29.22
C ALA B 136 -4.07 14.44 -28.34
N PRO B 137 -2.76 14.41 -28.62
CA PRO B 137 -1.77 15.19 -27.86
C PRO B 137 -1.93 16.69 -28.05
N THR B 138 -2.79 17.10 -28.98
CA THR B 138 -3.04 18.51 -29.26
C THR B 138 -3.78 19.19 -28.12
N HIS B 139 -4.73 18.46 -27.54
CA HIS B 139 -5.62 19.02 -26.51
C HIS B 139 -4.84 19.57 -25.33
N TYR B 140 -5.28 20.73 -24.83
CA TYR B 140 -4.54 21.47 -23.81
C TYR B 140 -4.51 20.79 -22.45
N ILE B 141 -5.45 19.89 -22.20
CA ILE B 141 -5.56 19.22 -20.91
C ILE B 141 -4.39 18.27 -20.67
N TRP B 142 -3.65 17.93 -21.71
CA TRP B 142 -2.53 17.03 -21.58
C TRP B 142 -1.21 17.77 -21.36
N GLN B 143 -1.25 19.10 -21.42
CA GLN B 143 -0.07 19.92 -21.13
C GLN B 143 -0.12 20.45 -19.71
N ARG B 144 -0.99 19.86 -18.89
CA ARG B 144 -1.07 20.21 -17.48
C ARG B 144 -0.06 19.41 -16.69
N GLU B 145 1.21 19.60 -16.98
CA GLU B 145 2.26 18.90 -16.30
C GLU B 145 2.40 19.48 -14.93
N ARG B 146 2.91 18.71 -14.00
CA ARG B 146 3.04 19.11 -12.63
C ARG B 146 4.51 18.92 -12.30
N SER B 147 5.11 19.87 -11.59
CA SER B 147 6.54 19.77 -11.24
C SER B 147 6.83 20.35 -9.87
N VAL B 148 7.58 19.61 -9.05
CA VAL B 148 7.95 20.04 -7.69
C VAL B 148 6.72 20.42 -6.87
#